data_5QI8
#
_entry.id   5QI8
#
_cell.length_a   34.552
_cell.length_b   41.716
_cell.length_c   110.859
_cell.angle_alpha   90.000
_cell.angle_beta   90.000
_cell.angle_gamma   90.000
#
_symmetry.space_group_name_H-M   'P 21 21 21'
#
loop_
_entity.id
_entity.type
_entity.pdbx_description
1 polymer 'Poly [ADP-ribose] polymerase 14'
2 non-polymer 'CHLORIDE ION'
3 non-polymer 'DIMETHYL SULFOXIDE'
4 non-polymer 4-(5-amino-1,3,4-thiadiazol-2-yl)phenol
5 water water
#
_entity_poly.entity_id   1
_entity_poly.type   'polypeptide(L)'
_entity_poly.pdbx_seq_one_letter_code
;SMFYGTVSSPDSGVYEMKIGSIIFQVASGDITKEEADVIVNSTSNSFNLKAGVSKAILECAGQNVERECSQQAQQRKNDY
IITGGGFLRCKNIIHVIGGNDVKSSVSSVLQECEKKNYSSICLPAIGTGNAKQHPDKVAEAIIDAIEDFVQKGSAQSVKK
VKVVIFLPQVLDVFYANMKKREG
;
_entity_poly.pdbx_strand_id   A
#
# COMPACT_ATOMS: atom_id res chain seq x y z
N MET A 2 -4.77 -3.34 -22.72
CA MET A 2 -6.12 -2.71 -22.83
C MET A 2 -6.39 -1.76 -21.66
N PHE A 3 -5.34 -1.36 -20.92
CA PHE A 3 -5.48 -0.57 -19.65
C PHE A 3 -4.53 0.64 -19.53
N TYR A 4 -3.29 0.53 -20.02
CA TYR A 4 -2.16 1.39 -19.56
C TYR A 4 -2.05 2.67 -20.39
N GLY A 5 -1.99 3.81 -19.70
CA GLY A 5 -1.64 5.12 -20.28
C GLY A 5 -0.14 5.33 -20.41
N THR A 6 0.25 6.59 -20.49
CA THR A 6 1.64 7.04 -20.74
C THR A 6 2.31 7.40 -19.41
N VAL A 7 3.58 7.05 -19.25
CA VAL A 7 4.39 7.43 -18.06
C VAL A 7 4.86 8.89 -18.23
N SER A 8 4.60 9.73 -17.23
CA SER A 8 5.11 11.13 -17.19
C SER A 8 5.49 11.51 -15.76
N SER A 9 6.07 12.70 -15.60
CA SER A 9 6.47 13.23 -14.28
C SER A 9 5.74 14.55 -14.00
N PRO A 10 4.62 14.54 -13.22
CA PRO A 10 3.83 15.75 -12.96
C PRO A 10 4.48 16.73 -11.96
N ASP A 11 5.28 16.18 -11.04
CA ASP A 11 5.93 16.94 -9.94
C ASP A 11 7.32 16.35 -9.72
N SER A 12 8.27 17.15 -9.27
CA SER A 12 9.68 16.74 -9.05
C SER A 12 9.72 15.44 -8.25
N GLY A 13 10.34 14.40 -8.82
CA GLY A 13 10.58 13.09 -8.17
C GLY A 13 9.34 12.20 -8.17
N VAL A 14 8.30 12.55 -8.92
CA VAL A 14 7.01 11.78 -8.96
C VAL A 14 6.80 11.29 -10.39
N TYR A 15 6.50 9.99 -10.57
CA TYR A 15 6.19 9.38 -11.89
C TYR A 15 4.78 8.79 -11.84
N GLU A 16 4.00 8.99 -12.90
CA GLU A 16 2.60 8.53 -12.89
C GLU A 16 2.20 7.94 -14.25
N MET A 17 1.18 7.08 -14.21
CA MET A 17 0.50 6.59 -15.43
C MET A 17 -0.91 6.14 -15.04
N LYS A 18 -1.84 6.21 -15.98
CA LYS A 18 -3.23 5.73 -15.79
C LYS A 18 -3.26 4.20 -15.95
N ILE A 19 -4.00 3.52 -15.08
CA ILE A 19 -4.30 2.06 -15.19
C ILE A 19 -5.84 2.01 -15.20
N GLY A 20 -6.46 1.93 -16.38
CA GLY A 20 -7.91 2.14 -16.49
C GLY A 20 -8.24 3.52 -15.98
N SER A 21 -9.17 3.63 -15.02
CA SER A 21 -9.62 4.91 -14.43
C SER A 21 -8.69 5.42 -13.31
N ILE A 22 -7.74 4.61 -12.83
CA ILE A 22 -6.92 4.93 -11.61
C ILE A 22 -5.63 5.64 -12.04
N ILE A 23 -5.25 6.70 -11.33
CA ILE A 23 -3.90 7.32 -11.46
C ILE A 23 -2.95 6.55 -10.52
N PHE A 24 -1.95 5.87 -11.07
CA PHE A 24 -0.90 5.14 -10.33
C PHE A 24 0.35 6.01 -10.29
N GLN A 25 0.89 6.26 -9.10
CA GLN A 25 2.09 7.13 -8.92
C GLN A 25 3.13 6.42 -8.07
N VAL A 26 4.41 6.74 -8.31
CA VAL A 26 5.53 6.31 -7.45
C VAL A 26 6.43 7.52 -7.14
N ALA A 27 7.04 7.51 -5.96
CA ALA A 27 8.00 8.55 -5.50
C ALA A 27 8.83 7.97 -4.35
N SER A 28 10.01 8.54 -4.11
N SER A 28 10.00 8.53 -4.10
N SER A 28 10.00 8.55 -4.09
CA SER A 28 10.87 8.25 -2.94
CA SER A 28 10.85 8.19 -2.93
CA SER A 28 10.86 8.19 -2.93
C SER A 28 10.49 9.19 -1.79
C SER A 28 10.57 9.19 -1.80
C SER A 28 10.63 9.21 -1.80
N GLY A 29 10.65 8.74 -0.54
CA GLY A 29 10.43 9.60 0.63
C GLY A 29 9.95 8.85 1.87
N ASP A 30 9.54 9.61 2.89
CA ASP A 30 9.00 9.13 4.19
C ASP A 30 7.47 9.09 4.09
N ILE A 31 6.91 7.88 4.07
CA ILE A 31 5.44 7.65 3.90
C ILE A 31 4.66 8.30 5.05
N THR A 32 5.25 8.51 6.23
CA THR A 32 4.53 9.04 7.43
C THR A 32 4.20 10.53 7.26
N LYS A 33 4.74 11.19 6.21
CA LYS A 33 4.46 12.61 5.89
C LYS A 33 3.35 12.75 4.83
N GLU A 34 2.80 11.63 4.32
CA GLU A 34 1.76 11.63 3.25
C GLU A 34 0.37 11.84 3.86
N GLU A 35 -0.54 12.41 3.05
CA GLU A 35 -1.99 12.49 3.34
C GLU A 35 -2.73 11.61 2.33
N ALA A 36 -3.60 10.72 2.80
CA ALA A 36 -4.42 9.84 1.93
C ALA A 36 -5.57 9.30 2.76
N ASP A 37 -6.64 8.81 2.14
CA ASP A 37 -7.72 8.18 2.94
C ASP A 37 -7.16 6.97 3.71
N VAL A 38 -6.35 6.14 3.04
CA VAL A 38 -5.68 4.97 3.70
C VAL A 38 -4.16 5.06 3.48
N ILE A 39 -3.41 4.82 4.56
CA ILE A 39 -1.95 4.50 4.52
C ILE A 39 -1.79 3.02 4.90
N VAL A 40 -0.96 2.31 4.14
CA VAL A 40 -0.68 0.87 4.37
C VAL A 40 0.64 0.73 5.16
N ASN A 41 0.59 -0.12 6.19
CA ASN A 41 1.79 -0.56 6.97
C ASN A 41 2.16 -1.99 6.55
N SER A 42 3.45 -2.25 6.32
CA SER A 42 4.00 -3.62 6.02
C SER A 42 4.65 -4.15 7.31
N THR A 43 4.01 -5.12 7.96
CA THR A 43 4.40 -5.56 9.33
C THR A 43 4.52 -7.09 9.37
N SER A 44 4.67 -7.64 10.58
CA SER A 44 4.76 -9.09 10.86
C SER A 44 3.36 -9.67 11.13
N ASN A 45 3.28 -11.00 11.23
N ASN A 45 3.29 -11.00 11.23
N ASN A 45 3.28 -11.00 11.23
CA ASN A 45 2.02 -11.74 11.47
CA ASN A 45 2.03 -11.75 11.47
CA ASN A 45 2.02 -11.74 11.47
C ASN A 45 1.51 -11.48 12.90
C ASN A 45 1.51 -11.47 12.89
C ASN A 45 1.51 -11.48 12.90
N SER A 46 2.31 -10.82 13.75
CA SER A 46 1.91 -10.44 15.13
C SER A 46 1.49 -8.96 15.21
N PHE A 47 1.63 -8.23 14.09
CA PHE A 47 1.21 -6.82 13.93
C PHE A 47 1.86 -5.89 14.98
N ASN A 48 3.11 -6.21 15.36
CA ASN A 48 3.88 -5.44 16.38
C ASN A 48 5.35 -5.29 15.96
N LEU A 49 5.65 -5.41 14.65
CA LEU A 49 7.01 -5.17 14.14
C LEU A 49 7.22 -3.66 14.32
N LYS A 50 8.43 -3.28 14.75
N LYS A 50 8.43 -3.28 14.76
N LYS A 50 8.43 -3.28 14.75
CA LYS A 50 8.84 -1.86 14.93
CA LYS A 50 8.83 -1.85 14.91
CA LYS A 50 8.84 -1.86 14.93
C LYS A 50 10.26 -1.71 14.36
C LYS A 50 10.26 -1.72 14.37
C LYS A 50 10.26 -1.71 14.36
N ALA A 51 10.42 -2.03 13.07
CA ALA A 51 11.71 -1.99 12.36
C ALA A 51 11.43 -1.48 10.94
N GLY A 52 12.27 -0.58 10.42
CA GLY A 52 12.06 0.02 9.09
C GLY A 52 10.72 0.74 9.03
N VAL A 53 9.92 0.49 7.99
CA VAL A 53 8.67 1.26 7.73
C VAL A 53 7.69 1.07 8.91
N SER A 54 7.62 -0.13 9.49
CA SER A 54 6.72 -0.42 10.65
C SER A 54 7.13 0.41 11.87
N LYS A 55 8.43 0.72 12.03
CA LYS A 55 8.91 1.57 13.17
C LYS A 55 8.40 3.00 12.99
N ALA A 56 8.61 3.59 11.81
CA ALA A 56 8.19 4.98 11.49
C ALA A 56 6.66 5.11 11.60
N ILE A 57 5.91 4.15 11.06
CA ILE A 57 4.41 4.21 11.07
C ILE A 57 3.89 4.07 12.52
N LEU A 58 4.34 3.08 13.30
CA LEU A 58 3.81 2.90 14.68
C LEU A 58 4.22 4.07 15.60
N GLU A 59 5.42 4.62 15.43
CA GLU A 59 5.95 5.76 16.25
C GLU A 59 5.11 7.02 16.01
N CYS A 60 4.89 7.36 14.73
N CYS A 60 4.89 7.36 14.73
N CYS A 60 4.86 7.34 14.73
CA CYS A 60 4.13 8.55 14.28
CA CYS A 60 4.13 8.55 14.28
CA CYS A 60 4.13 8.57 14.29
C CYS A 60 2.64 8.39 14.61
C CYS A 60 2.64 8.39 14.61
C CYS A 60 2.62 8.41 14.51
N ALA A 61 2.08 7.20 14.36
CA ALA A 61 0.64 6.91 14.59
C ALA A 61 0.27 7.04 16.08
N GLY A 62 1.11 6.50 16.98
CA GLY A 62 0.93 6.66 18.44
C GLY A 62 0.52 5.37 19.13
N GLN A 63 0.50 5.38 20.46
CA GLN A 63 0.31 4.16 21.30
C GLN A 63 -1.15 3.69 21.25
N ASN A 64 -2.10 4.59 20.95
CA ASN A 64 -3.54 4.19 20.78
C ASN A 64 -3.67 3.25 19.57
N VAL A 65 -2.94 3.49 18.48
CA VAL A 65 -2.92 2.60 17.29
C VAL A 65 -2.23 1.27 17.61
N GLU A 66 -1.10 1.32 18.34
CA GLU A 66 -0.37 0.13 18.84
C GLU A 66 -1.33 -0.74 19.66
N ARG A 67 -2.12 -0.12 20.54
CA ARG A 67 -3.12 -0.83 21.40
C ARG A 67 -4.21 -1.50 20.55
N GLU A 68 -4.71 -0.80 19.53
N GLU A 68 -4.72 -0.79 19.55
N GLU A 68 -4.72 -0.79 19.55
CA GLU A 68 -5.74 -1.31 18.58
CA GLU A 68 -5.73 -1.30 18.57
CA GLU A 68 -5.73 -1.30 18.57
C GLU A 68 -5.20 -2.56 17.87
C GLU A 68 -5.18 -2.57 17.90
C GLU A 68 -5.18 -2.57 17.90
N CYS A 69 -3.93 -2.52 17.44
CA CYS A 69 -3.26 -3.67 16.74
C CYS A 69 -3.20 -4.92 17.62
N SER A 70 -2.71 -4.77 18.86
CA SER A 70 -2.53 -5.87 19.84
C SER A 70 -3.89 -6.45 20.24
N GLN A 71 -4.88 -5.58 20.45
CA GLN A 71 -6.27 -5.95 20.86
C GLN A 71 -6.90 -6.84 19.77
N GLN A 72 -6.80 -6.42 18.51
CA GLN A 72 -7.35 -7.20 17.36
C GLN A 72 -6.54 -8.49 17.14
N ALA A 73 -5.21 -8.42 17.31
CA ALA A 73 -4.27 -9.55 17.08
C ALA A 73 -4.59 -10.74 18.00
N GLN A 74 -5.01 -10.48 19.26
CA GLN A 74 -5.27 -11.54 20.27
C GLN A 74 -6.74 -11.99 20.23
N GLN A 75 -7.53 -11.53 19.25
CA GLN A 75 -8.98 -11.86 19.10
C GLN A 75 -9.18 -13.00 18.08
N ARG A 76 -8.38 -13.04 17.01
CA ARG A 76 -8.49 -14.04 15.92
C ARG A 76 -7.20 -14.06 15.10
N LYS A 77 -7.05 -15.05 14.21
CA LYS A 77 -5.96 -15.11 13.20
C LYS A 77 -6.37 -14.23 12.00
N ASN A 78 -5.69 -13.10 11.83
CA ASN A 78 -6.01 -12.06 10.80
C ASN A 78 -4.96 -12.11 9.67
N ASP A 79 -5.41 -12.05 8.41
CA ASP A 79 -4.52 -11.89 7.23
C ASP A 79 -4.02 -10.42 7.15
N TYR A 80 -4.81 -9.48 7.68
CA TYR A 80 -4.51 -8.02 7.78
C TYR A 80 -5.48 -7.45 8.80
N ILE A 81 -5.19 -6.26 9.33
N ILE A 81 -5.18 -6.24 9.30
N ILE A 81 -5.19 -6.27 9.33
CA ILE A 81 -6.14 -5.56 10.24
CA ILE A 81 -5.90 -5.49 10.39
CA ILE A 81 -6.14 -5.56 10.25
C ILE A 81 -6.29 -4.11 9.78
C ILE A 81 -6.15 -4.03 9.99
C ILE A 81 -6.28 -4.12 9.79
N ILE A 82 -7.43 -3.52 10.12
N ILE A 82 -7.38 -3.52 10.18
N ILE A 82 -7.40 -3.51 10.18
CA ILE A 82 -7.77 -2.07 9.91
CA ILE A 82 -7.76 -2.10 9.92
CA ILE A 82 -7.76 -2.09 9.91
C ILE A 82 -7.78 -1.41 11.29
C ILE A 82 -7.85 -1.36 11.26
C ILE A 82 -7.85 -1.36 11.26
N THR A 83 -7.09 -0.28 11.43
CA THR A 83 -7.12 0.57 12.65
C THR A 83 -7.43 2.01 12.24
N GLY A 84 -7.64 2.87 13.23
CA GLY A 84 -7.63 4.33 13.05
C GLY A 84 -6.27 4.80 12.56
N GLY A 85 -6.20 6.07 12.15
CA GLY A 85 -5.00 6.74 11.63
C GLY A 85 -4.13 7.27 12.74
N GLY A 86 -4.64 7.32 13.99
CA GLY A 86 -3.91 7.95 15.10
C GLY A 86 -3.45 9.33 14.68
N PHE A 87 -2.16 9.65 14.83
CA PHE A 87 -1.60 10.97 14.44
C PHE A 87 -1.00 10.97 13.02
N LEU A 88 -1.27 9.96 12.19
CA LEU A 88 -0.98 10.06 10.74
C LEU A 88 -2.10 10.84 10.04
N ARG A 89 -1.81 11.37 8.85
CA ARG A 89 -2.79 12.16 8.06
C ARG A 89 -3.59 11.22 7.15
N CYS A 90 -4.40 10.38 7.76
CA CYS A 90 -5.25 9.41 7.04
C CYS A 90 -6.49 9.09 7.89
N LYS A 91 -7.49 8.48 7.27
CA LYS A 91 -8.75 8.05 7.94
C LYS A 91 -8.54 6.66 8.58
N ASN A 92 -7.80 5.76 7.92
CA ASN A 92 -7.49 4.41 8.46
C ASN A 92 -6.08 3.99 8.04
N ILE A 93 -5.46 3.15 8.86
CA ILE A 93 -4.24 2.39 8.48
C ILE A 93 -4.69 0.96 8.22
N ILE A 94 -4.24 0.39 7.10
CA ILE A 94 -4.40 -1.07 6.87
C ILE A 94 -3.03 -1.72 7.02
N HIS A 95 -2.90 -2.61 8.01
CA HIS A 95 -1.64 -3.31 8.37
C HIS A 95 -1.63 -4.66 7.68
N VAL A 96 -0.79 -4.83 6.66
CA VAL A 96 -0.65 -6.10 5.90
C VAL A 96 0.62 -6.81 6.36
N ILE A 97 0.70 -8.12 6.13
CA ILE A 97 1.85 -8.96 6.55
C ILE A 97 2.87 -8.95 5.39
N GLY A 98 4.06 -8.39 5.63
CA GLY A 98 5.10 -8.23 4.61
C GLY A 98 5.48 -9.54 3.92
N GLY A 99 5.44 -10.67 4.63
CA GLY A 99 5.82 -11.99 4.07
C GLY A 99 4.72 -12.64 3.24
N ASN A 100 3.49 -12.14 3.29
CA ASN A 100 2.34 -12.73 2.53
C ASN A 100 2.47 -12.40 1.04
N ASP A 101 1.70 -13.13 0.24
CA ASP A 101 1.55 -12.86 -1.22
C ASP A 101 1.18 -11.38 -1.41
N VAL A 102 2.03 -10.61 -2.10
CA VAL A 102 1.83 -9.13 -2.23
C VAL A 102 0.59 -8.83 -3.10
N LYS A 103 0.36 -9.59 -4.18
CA LYS A 103 -0.83 -9.35 -5.03
C LYS A 103 -2.12 -9.50 -4.21
N SER A 104 -2.18 -10.57 -3.39
N SER A 104 -2.20 -10.54 -3.37
N SER A 104 -2.18 -10.57 -3.39
CA SER A 104 -3.31 -10.86 -2.47
CA SER A 104 -3.37 -10.81 -2.50
CA SER A 104 -3.31 -10.86 -2.47
C SER A 104 -3.51 -9.68 -1.50
C SER A 104 -3.53 -9.69 -1.45
C SER A 104 -3.51 -9.68 -1.50
N SER A 105 -2.43 -9.23 -0.85
CA SER A 105 -2.47 -8.11 0.12
C SER A 105 -3.03 -6.83 -0.52
N VAL A 106 -2.52 -6.47 -1.71
CA VAL A 106 -2.97 -5.23 -2.39
C VAL A 106 -4.45 -5.35 -2.82
N SER A 107 -4.85 -6.54 -3.31
N SER A 107 -4.85 -6.54 -3.31
N SER A 107 -4.85 -6.54 -3.31
CA SER A 107 -6.26 -6.82 -3.69
CA SER A 107 -6.27 -6.81 -3.68
CA SER A 107 -6.26 -6.82 -3.69
C SER A 107 -7.18 -6.58 -2.48
C SER A 107 -7.17 -6.56 -2.47
C SER A 107 -7.18 -6.58 -2.48
N SER A 108 -6.78 -7.04 -1.29
CA SER A 108 -7.55 -6.83 -0.03
C SER A 108 -7.64 -5.33 0.32
N VAL A 109 -6.53 -4.60 0.22
CA VAL A 109 -6.52 -3.13 0.48
C VAL A 109 -7.51 -2.43 -0.47
N LEU A 110 -7.47 -2.73 -1.76
CA LEU A 110 -8.37 -2.08 -2.77
C LEU A 110 -9.84 -2.34 -2.42
N GLN A 111 -10.19 -3.59 -2.08
CA GLN A 111 -11.58 -4.02 -1.77
C GLN A 111 -12.07 -3.32 -0.49
N GLU A 112 -11.22 -3.21 0.54
CA GLU A 112 -11.60 -2.52 1.80
C GLU A 112 -11.80 -1.01 1.54
N CYS A 113 -10.99 -0.41 0.67
CA CYS A 113 -11.14 1.04 0.33
C CYS A 113 -12.46 1.28 -0.43
N GLU A 114 -12.87 0.38 -1.33
CA GLU A 114 -14.19 0.50 -2.02
C GLU A 114 -15.35 0.40 -1.02
N LYS A 115 -15.25 -0.52 -0.05
N LYS A 115 -15.24 -0.49 -0.03
N LYS A 115 -15.24 -0.49 -0.03
CA LYS A 115 -16.28 -0.71 1.01
CA LYS A 115 -16.28 -0.72 1.02
CA LYS A 115 -16.28 -0.72 1.02
C LYS A 115 -16.51 0.62 1.75
C LYS A 115 -16.49 0.57 1.83
C LYS A 115 -16.49 0.57 1.83
N LYS A 116 -15.45 1.41 1.96
CA LYS A 116 -15.56 2.71 2.70
C LYS A 116 -15.76 3.91 1.75
N ASN A 117 -15.91 3.69 0.45
CA ASN A 117 -16.05 4.78 -0.57
C ASN A 117 -14.84 5.73 -0.51
N TYR A 118 -13.64 5.21 -0.24
CA TYR A 118 -12.39 6.01 -0.22
C TYR A 118 -11.85 6.20 -1.65
N SER A 119 -11.14 7.32 -1.86
CA SER A 119 -10.61 7.70 -3.19
C SER A 119 -9.09 7.57 -3.30
N SER A 120 -8.32 7.69 -2.21
CA SER A 120 -6.84 7.73 -2.27
C SER A 120 -6.19 6.72 -1.30
N ILE A 121 -5.11 6.12 -1.77
CA ILE A 121 -4.32 5.10 -1.03
C ILE A 121 -2.85 5.45 -1.19
N CYS A 122 -2.08 5.31 -0.11
N CYS A 122 -2.08 5.31 -0.11
N CYS A 122 -2.09 5.33 -0.10
CA CYS A 122 -0.59 5.38 -0.15
CA CYS A 122 -0.59 5.38 -0.15
CA CYS A 122 -0.61 5.40 -0.06
C CYS A 122 -0.01 4.15 0.53
C CYS A 122 -0.01 4.15 0.53
C CYS A 122 -0.06 4.08 0.51
N LEU A 123 0.92 3.47 -0.15
CA LEU A 123 1.54 2.22 0.37
C LEU A 123 3.05 2.28 0.19
N PRO A 124 3.80 1.49 0.99
CA PRO A 124 5.23 1.30 0.82
C PRO A 124 5.49 0.19 -0.22
N ALA A 125 6.76 -0.09 -0.51
CA ALA A 125 7.14 -1.27 -1.31
C ALA A 125 7.00 -2.52 -0.43
N ILE A 126 5.75 -2.96 -0.25
CA ILE A 126 5.35 -4.05 0.70
C ILE A 126 6.30 -5.25 0.56
N GLY A 127 6.87 -5.72 1.66
CA GLY A 127 7.65 -6.98 1.71
C GLY A 127 9.13 -6.79 1.41
N THR A 128 9.59 -5.61 0.99
CA THR A 128 11.03 -5.42 0.62
C THR A 128 11.93 -5.15 1.84
N GLY A 129 11.34 -4.89 3.01
CA GLY A 129 12.09 -4.65 4.27
C GLY A 129 12.37 -5.95 5.01
N ASN A 130 11.81 -6.11 6.22
CA ASN A 130 12.09 -7.26 7.12
C ASN A 130 11.81 -8.59 6.38
N ALA A 131 10.79 -8.64 5.52
CA ALA A 131 10.36 -9.89 4.83
C ALA A 131 11.36 -10.27 3.72
N LYS A 132 12.16 -9.32 3.23
CA LYS A 132 13.24 -9.56 2.24
C LYS A 132 12.67 -10.24 0.97
N GLN A 133 11.49 -9.84 0.51
CA GLN A 133 11.00 -10.17 -0.85
C GLN A 133 11.76 -9.30 -1.86
N HIS A 134 11.96 -9.81 -3.08
CA HIS A 134 12.76 -9.14 -4.13
C HIS A 134 12.00 -7.95 -4.73
N PRO A 135 12.62 -6.76 -4.82
CA PRO A 135 11.92 -5.60 -5.38
C PRO A 135 11.18 -5.73 -6.72
N ASP A 136 11.74 -6.38 -7.75
N ASP A 136 11.74 -6.38 -7.75
N ASP A 136 11.79 -6.44 -7.69
CA ASP A 136 11.02 -6.47 -9.06
CA ASP A 136 11.02 -6.47 -9.06
CA ASP A 136 11.25 -6.64 -9.06
C ASP A 136 9.82 -7.41 -8.93
C ASP A 136 9.82 -7.41 -8.93
C ASP A 136 9.94 -7.44 -8.97
N LYS A 137 9.90 -8.46 -8.10
CA LYS A 137 8.70 -9.32 -7.89
C LYS A 137 7.61 -8.51 -7.17
N VAL A 138 8.00 -7.67 -6.21
CA VAL A 138 7.04 -6.84 -5.43
C VAL A 138 6.39 -5.81 -6.38
N ALA A 139 7.16 -5.12 -7.22
CA ALA A 139 6.61 -4.14 -8.19
C ALA A 139 5.62 -4.84 -9.14
N GLU A 140 5.98 -6.01 -9.69
CA GLU A 140 5.11 -6.76 -10.63
C GLU A 140 3.78 -7.12 -9.94
N ALA A 141 3.83 -7.54 -8.69
CA ALA A 141 2.65 -7.97 -7.91
C ALA A 141 1.72 -6.78 -7.61
N ILE A 142 2.28 -5.65 -7.18
CA ILE A 142 1.46 -4.44 -6.84
C ILE A 142 0.70 -3.99 -8.09
N ILE A 143 1.40 -3.86 -9.22
CA ILE A 143 0.75 -3.34 -10.46
C ILE A 143 -0.24 -4.40 -11.00
N ASP A 144 0.09 -5.69 -10.96
CA ASP A 144 -0.86 -6.77 -11.35
C ASP A 144 -2.16 -6.69 -10.53
N ALA A 145 -2.08 -6.42 -9.22
CA ALA A 145 -3.29 -6.36 -8.37
C ALA A 145 -4.20 -5.21 -8.87
N ILE A 146 -3.61 -4.07 -9.20
CA ILE A 146 -4.40 -2.88 -9.66
C ILE A 146 -5.04 -3.23 -11.02
N GLU A 147 -4.28 -3.82 -11.94
CA GLU A 147 -4.83 -4.24 -13.26
C GLU A 147 -6.05 -5.17 -13.12
N ASP A 148 -5.99 -6.16 -12.23
N ASP A 148 -5.96 -6.19 -12.25
N ASP A 148 -5.99 -6.16 -12.23
CA ASP A 148 -7.06 -7.18 -12.06
CA ASP A 148 -7.05 -7.17 -12.03
CA ASP A 148 -7.06 -7.18 -12.06
C ASP A 148 -8.29 -6.54 -11.39
C ASP A 148 -8.29 -6.44 -11.50
C ASP A 148 -8.29 -6.54 -11.39
N PHE A 149 -8.08 -5.55 -10.52
N PHE A 149 -8.12 -5.60 -10.47
N PHE A 149 -8.08 -5.55 -10.52
CA PHE A 149 -9.13 -4.76 -9.84
CA PHE A 149 -9.21 -4.79 -9.86
CA PHE A 149 -9.13 -4.76 -9.84
C PHE A 149 -9.92 -3.96 -10.89
C PHE A 149 -9.95 -4.03 -10.97
C PHE A 149 -9.92 -3.96 -10.89
N VAL A 150 -9.19 -3.33 -11.82
CA VAL A 150 -9.79 -2.56 -12.97
C VAL A 150 -10.49 -3.52 -13.95
N GLN A 151 -9.85 -4.63 -14.33
CA GLN A 151 -10.42 -5.61 -15.30
C GLN A 151 -11.79 -6.12 -14.81
N LYS A 152 -11.95 -6.35 -13.50
CA LYS A 152 -13.19 -6.92 -12.90
C LYS A 152 -14.28 -5.85 -12.74
N GLY A 153 -13.98 -4.60 -13.09
CA GLY A 153 -14.93 -3.47 -12.98
C GLY A 153 -15.16 -3.07 -11.54
N SER A 154 -14.20 -3.30 -10.64
CA SER A 154 -14.35 -3.07 -9.18
C SER A 154 -13.97 -1.64 -8.80
N ALA A 155 -13.22 -0.92 -9.64
CA ALA A 155 -12.79 0.47 -9.36
C ALA A 155 -13.99 1.40 -9.61
N GLN A 156 -14.47 2.05 -8.55
CA GLN A 156 -15.61 3.02 -8.59
C GLN A 156 -15.27 4.26 -7.75
N SER A 157 -14.98 4.08 -6.45
N SER A 157 -14.99 4.09 -6.45
N SER A 157 -14.98 4.08 -6.45
CA SER A 157 -14.57 5.18 -5.54
CA SER A 157 -14.56 5.20 -5.54
CA SER A 157 -14.57 5.18 -5.54
C SER A 157 -13.06 5.42 -5.62
C SER A 157 -13.05 5.42 -5.65
C SER A 157 -13.06 5.42 -5.62
N VAL A 158 -12.26 4.35 -5.77
CA VAL A 158 -10.75 4.47 -5.78
C VAL A 158 -10.29 5.16 -7.08
N LYS A 159 -9.57 6.27 -6.93
CA LYS A 159 -9.09 7.13 -8.05
C LYS A 159 -7.55 7.28 -8.07
N LYS A 160 -6.86 7.10 -6.94
CA LYS A 160 -5.40 7.38 -6.87
C LYS A 160 -4.72 6.36 -5.95
N VAL A 161 -3.68 5.71 -6.48
CA VAL A 161 -2.85 4.74 -5.70
C VAL A 161 -1.40 5.18 -5.84
N LYS A 162 -0.76 5.53 -4.73
CA LYS A 162 0.63 6.06 -4.72
C LYS A 162 1.54 5.14 -3.89
N VAL A 163 2.69 4.75 -4.45
CA VAL A 163 3.72 3.98 -3.70
C VAL A 163 4.81 4.98 -3.31
N VAL A 164 5.01 5.19 -2.02
CA VAL A 164 6.12 6.05 -1.49
C VAL A 164 7.17 5.10 -0.94
N ILE A 165 8.38 5.17 -1.49
CA ILE A 165 9.43 4.12 -1.40
C ILE A 165 10.65 4.71 -0.66
N PHE A 166 11.11 4.06 0.41
CA PHE A 166 12.19 4.59 1.28
C PHE A 166 13.52 4.69 0.52
N LEU A 167 13.88 3.66 -0.25
CA LEU A 167 15.17 3.65 -1.01
C LEU A 167 14.99 4.06 -2.46
N PRO A 168 15.69 5.13 -2.91
CA PRO A 168 15.70 5.48 -4.34
C PRO A 168 16.02 4.31 -5.29
N GLN A 169 16.89 3.39 -4.91
CA GLN A 169 17.24 2.22 -5.76
C GLN A 169 16.00 1.34 -6.00
N VAL A 170 15.07 1.27 -5.06
CA VAL A 170 13.82 0.46 -5.25
C VAL A 170 12.85 1.25 -6.15
N LEU A 171 12.81 2.57 -6.02
CA LEU A 171 12.02 3.43 -6.94
C LEU A 171 12.41 3.13 -8.40
N ASP A 172 13.71 2.97 -8.69
CA ASP A 172 14.18 2.75 -10.09
C ASP A 172 13.57 1.46 -10.65
N VAL A 173 13.42 0.43 -9.82
CA VAL A 173 12.81 -0.87 -10.24
C VAL A 173 11.32 -0.65 -10.58
N PHE A 174 10.60 0.12 -9.78
CA PHE A 174 9.17 0.44 -10.04
C PHE A 174 9.00 1.21 -11.36
N TYR A 175 9.85 2.22 -11.59
N TYR A 175 9.85 2.21 -11.60
N TYR A 175 9.85 2.22 -11.59
CA TYR A 175 9.85 3.04 -12.82
CA TYR A 175 9.77 3.03 -12.84
CA TYR A 175 9.85 3.04 -12.82
C TYR A 175 10.02 2.13 -14.06
C TYR A 175 10.04 2.16 -14.08
C TYR A 175 10.02 2.13 -14.06
N ALA A 176 11.00 1.22 -14.00
CA ALA A 176 11.28 0.30 -15.13
C ALA A 176 10.06 -0.58 -15.42
N ASN A 177 9.35 -1.03 -14.39
CA ASN A 177 8.13 -1.86 -14.57
C ASN A 177 7.04 -1.01 -15.27
N MET A 178 6.84 0.23 -14.83
CA MET A 178 5.85 1.15 -15.46
C MET A 178 6.18 1.32 -16.96
N LYS A 179 7.46 1.53 -17.31
CA LYS A 179 7.86 1.74 -18.73
C LYS A 179 7.62 0.45 -19.54
N LYS A 180 7.83 -0.72 -18.95
CA LYS A 180 7.56 -2.02 -19.61
C LYS A 180 6.08 -2.06 -20.01
N ARG A 181 5.19 -1.59 -19.15
CA ARG A 181 3.72 -1.76 -19.38
C ARG A 181 3.11 -0.63 -20.22
N GLU A 182 3.78 0.51 -20.39
CA GLU A 182 3.09 1.74 -20.88
C GLU A 182 2.55 1.54 -22.30
N GLY A 183 1.43 2.19 -22.62
CA GLY A 183 0.74 2.11 -23.92
C GLY A 183 1.61 2.64 -25.05
#